data_3LBX
#
_entry.id   3LBX
#
_cell.length_a   213.901
_cell.length_b   213.901
_cell.length_c   31.461
_cell.angle_alpha   90.00
_cell.angle_beta   90.00
_cell.angle_gamma   90.00
#
_symmetry.space_group_name_H-M   'I 41'
#
loop_
_entity.id
_entity.type
_entity.pdbx_description
1 polymer 'Spectrin alpha chain, erythrocyte'
2 polymer 'Spectrin beta chain, erythrocyte'
#
loop_
_entity_poly.entity_id
_entity_poly.type
_entity_poly.pdbx_seq_one_letter_code
_entity_poly.pdbx_strand_id
1 'polypeptide(L)'
;GSGMEQFPKETVVESSGPKVLETAEEIQERRQEVLTRYQSFKERVAERGQKLEDSYHLQVFKRDADDLGKWIMEKVNILT
DKSYEDPTNIQGKYQKHQSLEAEVQTKSRLMSELEKTREERFTMGHSAHEETKAHIEELRHLWDLLLELTLEKGDQLLRA
L
;
A
2 'polypeptide(L)'
;GSTADKFRFFSMARDLLSWMESIIRQIETQERPRDVSSVELLMKYHQGINAEIETRSKNFSACLELGESLLQRQHQASEE
IREKLQQVMSRRKEMNEKWEARWERLRMLLEVCQFSRDASVAEAWLIAQEPYLASGDFGHTVDSVEKLIKRHEAFEKSTA
SWAERFAALEKPTTLELKERQIAER
;
B
#
# COMPACT_ATOMS: atom_id res chain seq x y z
N GLU A 22 -22.03 7.83 -2.35
CA GLU A 22 -22.71 8.65 -3.40
C GLU A 22 -23.52 9.80 -2.76
N THR A 23 -23.11 10.19 -1.56
CA THR A 23 -23.71 11.30 -0.80
C THR A 23 -22.94 12.60 -1.00
N ALA A 24 -23.64 13.67 -1.40
CA ALA A 24 -23.04 15.00 -1.57
C ALA A 24 -21.73 14.81 -2.31
N GLU A 25 -21.84 14.48 -3.59
CA GLU A 25 -20.76 13.82 -4.33
C GLU A 25 -19.42 14.56 -4.32
N GLU A 26 -19.49 15.90 -4.29
CA GLU A 26 -18.28 16.68 -3.98
C GLU A 26 -17.85 16.39 -2.53
N ILE A 27 -18.81 16.30 -1.62
CA ILE A 27 -18.56 15.90 -0.22
C ILE A 27 -18.15 14.42 -0.07
N GLN A 28 -18.40 13.59 -1.09
CA GLN A 28 -18.08 12.16 -1.06
C GLN A 28 -16.70 11.88 -0.49
N GLU A 29 -15.73 12.71 -0.88
CA GLU A 29 -14.32 12.52 -0.51
C GLU A 29 -14.03 12.47 0.99
N ARG A 30 -15.05 12.64 1.83
CA ARG A 30 -14.92 12.28 3.24
C ARG A 30 -14.56 10.81 3.35
N ARG A 31 -15.06 10.00 2.42
CA ARG A 31 -14.66 8.60 2.30
C ARG A 31 -13.15 8.49 2.07
N GLN A 32 -12.58 9.43 1.31
CA GLN A 32 -11.12 9.52 1.15
C GLN A 32 -10.43 9.74 2.50
N GLU A 33 -11.00 10.59 3.36
CA GLU A 33 -10.41 10.80 4.70
C GLU A 33 -10.64 9.57 5.58
N VAL A 34 -11.68 8.80 5.27
CA VAL A 34 -11.92 7.52 5.93
C VAL A 34 -10.78 6.56 5.50
N LEU A 35 -10.07 6.91 4.42
CA LEU A 35 -8.87 6.19 3.96
C LEU A 35 -7.67 6.36 4.90
N THR A 36 -7.62 7.45 5.65
CA THR A 36 -6.50 7.75 6.56
C THR A 36 -6.11 6.54 7.38
N ARG A 37 -7.03 5.60 7.54
CA ARG A 37 -6.75 4.36 8.23
C ARG A 37 -5.37 3.91 7.77
N TYR A 38 -5.20 3.95 6.45
CA TYR A 38 -3.96 3.57 5.78
C TYR A 38 -2.69 4.21 6.34
N GLN A 39 -2.80 5.46 6.78
CA GLN A 39 -1.70 6.18 7.39
C GLN A 39 -1.42 5.56 8.75
N SER A 40 -2.49 5.34 9.52
CA SER A 40 -2.38 4.71 10.85
C SER A 40 -1.88 3.27 10.73
N PHE A 41 -2.24 2.63 9.63
CA PHE A 41 -1.80 1.27 9.34
C PHE A 41 -0.29 1.22 9.07
N LYS A 42 0.16 2.11 8.18
CA LYS A 42 1.58 2.18 7.85
C LYS A 42 2.47 2.42 9.08
N GLU A 43 2.07 3.39 9.89
CA GLU A 43 2.79 3.77 11.11
C GLU A 43 2.94 2.58 12.08
N ARG A 44 1.84 1.84 12.27
CA ARG A 44 1.83 0.68 13.17
C ARG A 44 2.74 -0.43 12.65
N VAL A 45 2.85 -0.54 11.34
CA VAL A 45 3.74 -1.51 10.69
C VAL A 45 5.18 -1.13 10.98
N ALA A 46 5.47 0.16 10.79
CA ALA A 46 6.79 0.71 11.07
C ALA A 46 7.16 0.49 12.54
N GLU A 47 6.20 0.71 13.45
CA GLU A 47 6.41 0.54 14.91
C GLU A 47 6.70 -0.91 15.29
N ARG A 48 5.91 -1.84 14.75
CA ARG A 48 6.14 -3.24 15.07
C ARG A 48 7.56 -3.61 14.65
N GLY A 49 7.90 -3.35 13.39
CA GLY A 49 9.23 -3.65 12.87
C GLY A 49 10.32 -3.08 13.75
N GLN A 50 10.16 -1.81 14.09
CA GLN A 50 11.12 -1.13 14.94
C GLN A 50 11.26 -1.87 16.27
N LYS A 51 10.15 -2.13 16.93
CA LYS A 51 10.16 -2.83 18.22
C LYS A 51 10.82 -4.21 18.11
N LEU A 52 10.54 -4.91 17.02
CA LEU A 52 11.18 -6.20 16.80
C LEU A 52 12.69 -6.00 16.70
N GLU A 53 13.11 -4.95 15.99
CA GLU A 53 14.54 -4.65 15.88
C GLU A 53 15.13 -4.39 17.27
N ASP A 54 14.42 -3.61 18.09
CA ASP A 54 14.87 -3.33 19.44
C ASP A 54 15.03 -4.62 20.22
N SER A 55 14.06 -5.50 20.10
CA SER A 55 14.12 -6.75 20.84
C SER A 55 15.29 -7.58 20.37
N TYR A 56 15.54 -7.56 19.06
CA TYR A 56 16.64 -8.35 18.47
C TYR A 56 17.95 -7.97 19.12
N HIS A 57 18.28 -6.69 19.05
CA HIS A 57 19.53 -6.19 19.60
C HIS A 57 19.64 -6.48 21.09
N LEU A 58 18.53 -6.35 21.82
CA LEU A 58 18.55 -6.63 23.23
C LEU A 58 18.84 -8.10 23.45
N GLN A 59 18.10 -8.99 22.79
CA GLN A 59 18.30 -10.42 23.04
C GLN A 59 19.72 -10.85 22.68
N VAL A 60 20.21 -10.35 21.54
CA VAL A 60 21.56 -10.67 21.07
C VAL A 60 22.61 -10.24 22.09
N PHE A 61 22.42 -9.05 22.63
CA PHE A 61 23.30 -8.58 23.65
C PHE A 61 23.24 -9.54 24.82
N LYS A 62 22.06 -9.71 25.41
CA LYS A 62 21.91 -10.59 26.60
C LYS A 62 22.61 -11.95 26.48
N ARG A 63 22.41 -12.60 25.35
CA ARG A 63 23.03 -13.89 25.10
C ARG A 63 24.55 -13.80 25.08
N ASP A 64 25.07 -12.77 24.43
CA ASP A 64 26.49 -12.61 24.34
C ASP A 64 27.03 -12.38 25.71
N ALA A 65 26.36 -11.54 26.49
CA ALA A 65 26.78 -11.29 27.88
C ALA A 65 26.77 -12.56 28.73
N ASP A 66 25.64 -13.27 28.71
CA ASP A 66 25.51 -14.52 29.45
C ASP A 66 26.60 -15.50 29.07
N ASP A 67 26.88 -15.60 27.77
CA ASP A 67 27.89 -16.51 27.28
C ASP A 67 29.24 -16.08 27.79
N LEU A 68 29.46 -14.79 27.85
CA LEU A 68 30.74 -14.34 28.36
C LEU A 68 30.83 -14.76 29.81
N GLY A 69 29.70 -14.67 30.53
CA GLY A 69 29.65 -15.08 31.93
C GLY A 69 30.04 -16.54 32.10
N LYS A 70 29.46 -17.38 31.27
CA LYS A 70 29.72 -18.79 31.31
C LYS A 70 31.19 -19.01 31.09
N TRP A 71 31.72 -18.39 30.03
CA TRP A 71 33.12 -18.55 29.68
C TRP A 71 34.03 -18.21 30.87
N ILE A 72 33.74 -17.11 31.53
CA ILE A 72 34.55 -16.70 32.64
C ILE A 72 34.47 -17.77 33.71
N MET A 73 33.27 -18.19 34.05
CA MET A 73 33.16 -19.20 35.09
C MET A 73 33.91 -20.47 34.73
N GLU A 74 33.95 -20.86 33.45
CA GLU A 74 34.69 -22.05 33.06
C GLU A 74 36.16 -21.89 33.39
N LYS A 75 36.72 -20.72 33.07
CA LYS A 75 38.07 -20.45 33.42
C LYS A 75 38.23 -20.48 34.94
N VAL A 76 37.35 -19.77 35.64
CA VAL A 76 37.44 -19.72 37.11
C VAL A 76 37.42 -21.10 37.72
N ASN A 77 36.58 -21.97 37.20
CA ASN A 77 36.51 -23.33 37.71
C ASN A 77 37.85 -24.05 37.45
N ILE A 78 38.47 -23.84 36.28
CA ILE A 78 39.75 -24.48 35.99
C ILE A 78 40.83 -23.99 36.96
N LEU A 79 40.80 -22.70 37.26
CA LEU A 79 41.79 -22.12 38.18
C LEU A 79 41.63 -22.60 39.60
N THR A 80 40.39 -22.71 40.06
CA THR A 80 40.14 -23.12 41.42
C THR A 80 40.07 -24.62 41.60
N ASP A 81 40.16 -25.39 40.52
CA ASP A 81 40.17 -26.83 40.67
C ASP A 81 41.53 -27.18 41.22
N LYS A 82 41.84 -26.59 42.38
CA LYS A 82 43.05 -26.89 43.10
C LYS A 82 42.91 -28.34 43.45
N SER A 83 41.72 -28.72 43.93
CA SER A 83 41.35 -30.14 43.94
C SER A 83 41.61 -30.51 42.49
N TYR A 84 42.49 -31.50 42.34
CA TYR A 84 43.54 -31.41 41.36
C TYR A 84 43.40 -32.47 40.29
N GLU A 85 44.19 -32.27 39.24
CA GLU A 85 44.73 -33.36 38.43
C GLU A 85 46.09 -33.79 39.06
N ASP A 86 46.83 -34.67 38.39
CA ASP A 86 48.17 -35.09 38.84
C ASP A 86 49.32 -34.06 38.69
N PRO A 87 49.33 -33.29 37.58
CA PRO A 87 50.54 -32.66 37.02
C PRO A 87 51.47 -31.96 38.01
N THR A 88 52.79 -32.08 37.81
CA THR A 88 53.78 -31.38 38.65
C THR A 88 54.95 -30.67 37.94
N ASN A 89 55.01 -30.67 36.62
CA ASN A 89 56.08 -29.93 35.97
C ASN A 89 55.77 -28.44 36.00
N ILE A 90 56.60 -27.66 36.70
CA ILE A 90 56.28 -26.26 36.90
C ILE A 90 56.53 -25.42 35.67
N GLN A 91 57.69 -25.56 35.03
CA GLN A 91 57.96 -24.74 33.84
C GLN A 91 56.82 -24.87 32.83
N GLY A 92 56.43 -26.11 32.55
CA GLY A 92 55.26 -26.38 31.73
C GLY A 92 53.98 -25.83 32.32
N LYS A 93 53.78 -26.03 33.61
CA LYS A 93 52.60 -25.46 34.23
C LYS A 93 52.57 -23.98 33.92
N TYR A 94 53.74 -23.35 34.00
CA TYR A 94 53.79 -21.94 33.70
C TYR A 94 53.38 -21.66 32.27
N GLN A 95 53.69 -22.55 31.33
CA GLN A 95 53.26 -22.37 29.93
C GLN A 95 51.73 -22.41 29.81
N LYS A 96 51.11 -23.48 30.32
CA LYS A 96 49.64 -23.58 30.37
C LYS A 96 49.09 -22.30 31.00
N HIS A 97 49.72 -21.81 32.05
CA HIS A 97 49.26 -20.55 32.61
C HIS A 97 49.46 -19.35 31.68
N GLN A 98 50.60 -19.26 31.02
CA GLN A 98 50.83 -18.12 30.13
C GLN A 98 49.81 -18.13 29.02
N SER A 99 49.57 -19.32 28.47
CA SER A 99 48.60 -19.51 27.43
C SER A 99 47.22 -19.05 27.92
N LEU A 100 46.88 -19.33 29.18
CA LEU A 100 45.61 -18.88 29.74
C LEU A 100 45.53 -17.37 29.80
N GLU A 101 46.61 -16.70 30.17
CA GLU A 101 46.56 -15.23 30.21
C GLU A 101 46.29 -14.64 28.85
N ALA A 102 46.80 -15.30 27.82
CA ALA A 102 46.59 -14.85 26.45
C ALA A 102 45.10 -14.95 26.10
N GLU A 103 44.51 -16.11 26.38
CA GLU A 103 43.10 -16.36 26.13
C GLU A 103 42.28 -15.25 26.79
N VAL A 104 42.58 -14.96 28.05
CA VAL A 104 41.92 -13.89 28.75
C VAL A 104 42.11 -12.57 28.04
N GLN A 105 43.34 -12.24 27.63
CA GLN A 105 43.62 -10.98 26.93
C GLN A 105 42.80 -10.82 25.67
N THR A 106 42.92 -11.80 24.79
CA THR A 106 42.18 -11.75 23.54
C THR A 106 40.66 -11.68 23.80
N LYS A 107 40.16 -12.46 24.75
CA LYS A 107 38.73 -12.41 25.10
C LYS A 107 38.37 -11.07 25.75
N SER A 108 39.30 -10.47 26.46
CA SER A 108 39.07 -9.15 27.04
C SER A 108 38.48 -8.18 25.99
N ARG A 109 38.88 -8.37 24.73
CA ARG A 109 38.39 -7.53 23.61
C ARG A 109 36.87 -7.59 23.47
N LEU A 110 36.31 -8.76 23.76
CA LEU A 110 34.85 -8.96 23.75
C LEU A 110 34.21 -8.15 24.87
N MET A 111 34.86 -8.10 26.02
CA MET A 111 34.32 -7.30 27.09
C MET A 111 34.19 -5.87 26.62
N SER A 112 35.26 -5.33 26.06
CA SER A 112 35.26 -3.94 25.58
C SER A 112 34.14 -3.67 24.58
N GLU A 113 33.98 -4.57 23.63
CA GLU A 113 32.99 -4.43 22.61
C GLU A 113 31.60 -4.36 23.20
N LEU A 114 31.33 -5.16 24.21
CA LEU A 114 30.03 -5.15 24.87
C LEU A 114 29.81 -3.83 25.59
N GLU A 115 30.86 -3.33 26.24
CA GLU A 115 30.74 -2.08 26.97
C GLU A 115 30.43 -0.98 25.98
N LYS A 116 31.19 -1.00 24.89
CA LYS A 116 31.02 -0.05 23.80
C LYS A 116 29.58 -0.16 23.28
N THR A 117 29.13 -1.37 22.94
CA THR A 117 27.76 -1.57 22.46
C THR A 117 26.74 -1.03 23.44
N ARG A 118 26.93 -1.34 24.72
CA ARG A 118 25.99 -0.85 25.72
C ARG A 118 25.97 0.68 25.69
N GLU A 119 27.14 1.29 25.83
CA GLU A 119 27.20 2.76 25.81
C GLU A 119 26.51 3.38 24.58
N GLU A 120 26.82 2.85 23.41
CA GLU A 120 26.31 3.42 22.15
C GLU A 120 24.90 3.02 21.68
N ARG A 121 24.58 1.72 21.73
CA ARG A 121 23.27 1.23 21.24
C ARG A 121 22.17 1.20 22.30
N PHE A 122 22.48 1.43 23.56
CA PHE A 122 21.44 1.45 24.60
C PHE A 122 21.63 2.64 25.50
N THR A 123 21.48 3.82 24.92
CA THR A 123 21.79 5.07 25.61
C THR A 123 20.63 5.59 26.47
N MET A 124 20.77 6.81 27.00
CA MET A 124 19.65 7.49 27.65
C MET A 124 18.54 7.52 26.61
N GLY A 125 17.31 7.28 27.05
CA GLY A 125 16.18 7.22 26.13
C GLY A 125 15.99 5.84 25.54
N HIS A 126 16.51 4.81 26.22
CA HIS A 126 16.24 3.44 25.82
C HIS A 126 15.72 2.59 26.99
N SER A 127 14.72 1.77 26.67
CA SER A 127 14.08 0.91 27.65
C SER A 127 15.08 0.04 28.40
N ALA A 128 15.98 -0.57 27.66
CA ALA A 128 16.96 -1.51 28.22
C ALA A 128 18.28 -0.85 28.70
N HIS A 129 18.22 0.42 29.07
CA HIS A 129 19.39 1.15 29.52
C HIS A 129 19.87 0.53 30.83
N GLU A 130 18.99 0.50 31.84
CA GLU A 130 19.31 -0.09 33.14
C GLU A 130 19.53 -1.60 33.10
N GLU A 131 18.75 -2.31 32.28
CA GLU A 131 18.89 -3.75 32.14
C GLU A 131 20.22 -4.13 31.50
N THR A 132 20.55 -3.44 30.39
CA THR A 132 21.84 -3.65 29.68
C THR A 132 23.03 -3.08 30.47
N LYS A 133 22.83 -2.05 31.28
CA LYS A 133 23.88 -1.61 32.19
C LYS A 133 24.11 -2.67 33.28
N ALA A 134 23.06 -3.38 33.69
CA ALA A 134 23.20 -4.37 34.78
C ALA A 134 24.08 -5.53 34.32
N HIS A 135 23.77 -6.09 33.17
CA HIS A 135 24.59 -7.18 32.62
C HIS A 135 26.07 -6.81 32.57
N ILE A 136 26.40 -5.65 32.00
CA ILE A 136 27.77 -5.21 31.89
C ILE A 136 28.36 -5.09 33.29
N GLU A 137 27.54 -4.71 34.28
CA GLU A 137 28.05 -4.68 35.66
C GLU A 137 28.35 -6.08 36.20
N GLU A 138 27.45 -7.02 35.96
CA GLU A 138 27.67 -8.39 36.44
C GLU A 138 29.00 -8.93 35.86
N LEU A 139 29.24 -8.68 34.59
CA LEU A 139 30.46 -9.15 33.96
C LEU A 139 31.69 -8.43 34.52
N ARG A 140 31.64 -7.12 34.71
CA ARG A 140 32.77 -6.44 35.32
C ARG A 140 33.13 -7.19 36.63
N HIS A 141 32.11 -7.50 37.44
CA HIS A 141 32.38 -8.23 38.69
C HIS A 141 33.01 -9.60 38.43
N LEU A 142 32.47 -10.35 37.48
CA LEU A 142 33.04 -11.64 37.19
C LEU A 142 34.44 -11.48 36.68
N TRP A 143 34.66 -10.44 35.88
CA TRP A 143 35.96 -10.23 35.30
C TRP A 143 36.98 -10.06 36.41
N ASP A 144 36.63 -9.28 37.43
CA ASP A 144 37.55 -9.07 38.52
C ASP A 144 37.95 -10.37 39.17
N LEU A 145 36.98 -11.25 39.31
CA LEU A 145 37.22 -12.52 39.96
C LEU A 145 38.27 -13.28 39.16
N LEU A 146 38.05 -13.39 37.86
CA LEU A 146 39.02 -14.07 37.01
C LEU A 146 40.39 -13.47 37.19
N LEU A 147 40.48 -12.14 37.10
CA LEU A 147 41.77 -11.49 37.24
C LEU A 147 42.46 -11.81 38.57
N GLU A 148 41.72 -11.85 39.65
CA GLU A 148 42.33 -12.15 40.93
C GLU A 148 42.89 -13.55 40.95
N LEU A 149 42.11 -14.48 40.43
CA LEU A 149 42.50 -15.89 40.44
C LEU A 149 43.65 -16.22 39.52
N THR A 150 43.70 -15.58 38.35
CA THR A 150 44.78 -15.86 37.40
C THR A 150 46.05 -15.21 37.91
N LEU A 151 45.91 -14.02 38.50
CA LEU A 151 47.04 -13.36 39.07
C LEU A 151 47.59 -14.20 40.25
N GLU A 152 46.72 -14.77 41.07
CA GLU A 152 47.19 -15.57 42.17
C GLU A 152 47.78 -16.88 41.73
N LYS A 153 47.10 -17.60 40.85
CA LYS A 153 47.72 -18.83 40.42
C LYS A 153 49.06 -18.48 39.81
N GLY A 154 49.04 -17.48 38.91
CA GLY A 154 50.24 -17.06 38.25
C GLY A 154 51.38 -16.85 39.23
N ASP A 155 51.12 -16.02 40.23
CA ASP A 155 52.12 -15.72 41.21
C ASP A 155 52.75 -16.91 41.91
N GLN A 156 51.99 -17.98 42.14
CA GLN A 156 52.54 -19.15 42.80
C GLN A 156 53.60 -19.71 41.88
N LEU A 157 53.23 -19.94 40.63
CA LEU A 157 54.15 -20.50 39.64
C LEU A 157 55.45 -19.68 39.52
N LEU A 158 55.32 -18.37 39.39
CA LEU A 158 56.49 -17.52 39.37
C LEU A 158 57.44 -17.81 40.53
N ARG A 159 56.87 -18.02 41.70
CA ARG A 159 57.67 -18.23 42.90
C ARG A 159 58.25 -19.61 42.94
N ALA A 160 57.57 -20.58 42.37
CA ALA A 160 58.05 -21.95 42.30
C ALA A 160 59.03 -22.19 41.13
N LEU A 161 59.45 -21.11 40.44
CA LEU A 161 60.19 -21.15 39.17
C LEU A 161 59.32 -21.69 38.04
N GLY B 1 -42.69 14.52 -61.54
CA GLY B 1 -41.89 14.08 -60.36
C GLY B 1 -41.90 15.06 -59.19
N SER B 2 -42.15 16.33 -59.45
CA SER B 2 -42.15 17.34 -58.39
C SER B 2 -43.07 16.99 -57.23
N THR B 3 -44.35 16.82 -57.50
CA THR B 3 -45.28 16.48 -56.45
C THR B 3 -44.88 15.17 -55.79
N ALA B 4 -44.41 14.21 -56.57
CA ALA B 4 -43.99 12.93 -55.99
C ALA B 4 -42.79 13.14 -55.09
N ASP B 5 -41.82 13.89 -55.60
CA ASP B 5 -40.58 14.18 -54.87
C ASP B 5 -40.86 14.89 -53.55
N LYS B 6 -41.56 16.02 -53.65
CA LYS B 6 -41.93 16.79 -52.47
C LYS B 6 -42.56 15.84 -51.49
N PHE B 7 -43.66 15.23 -51.91
CA PHE B 7 -44.40 14.36 -51.05
C PHE B 7 -43.48 13.38 -50.38
N ARG B 8 -42.56 12.82 -51.14
CA ARG B 8 -41.63 11.83 -50.60
C ARG B 8 -40.64 12.44 -49.59
N PHE B 9 -40.25 13.69 -49.81
CA PHE B 9 -39.34 14.34 -48.89
C PHE B 9 -39.98 14.43 -47.52
N PHE B 10 -41.15 15.06 -47.45
CA PHE B 10 -41.89 15.21 -46.18
C PHE B 10 -42.21 13.88 -45.53
N SER B 11 -42.35 12.83 -46.32
CA SER B 11 -42.60 11.51 -45.78
C SER B 11 -41.36 11.03 -45.03
N MET B 12 -40.20 11.27 -45.59
CA MET B 12 -38.96 10.86 -44.95
C MET B 12 -38.67 11.66 -43.68
N ALA B 13 -38.81 12.99 -43.76
CA ALA B 13 -38.58 13.86 -42.62
C ALA B 13 -39.46 13.40 -41.47
N ARG B 14 -40.76 13.36 -41.69
CA ARG B 14 -41.68 12.93 -40.65
C ARG B 14 -41.20 11.64 -39.99
N ASP B 15 -40.85 10.67 -40.82
CA ASP B 15 -40.37 9.38 -40.29
C ASP B 15 -39.12 9.54 -39.44
N LEU B 16 -38.21 10.40 -39.88
CA LEU B 16 -36.99 10.63 -39.11
C LEU B 16 -37.27 11.44 -37.85
N LEU B 17 -38.20 12.40 -37.94
CA LEU B 17 -38.55 13.21 -36.78
C LEU B 17 -39.21 12.36 -35.71
N SER B 18 -40.09 11.44 -36.11
CA SER B 18 -40.74 10.54 -35.15
C SER B 18 -39.70 9.63 -34.48
N TRP B 19 -38.81 9.05 -35.30
CA TRP B 19 -37.77 8.15 -34.80
C TRP B 19 -36.82 8.84 -33.82
N MET B 20 -36.46 10.09 -34.09
CA MET B 20 -35.59 10.86 -33.21
C MET B 20 -36.24 11.09 -31.85
N GLU B 21 -37.49 11.55 -31.85
CA GLU B 21 -38.21 11.79 -30.61
C GLU B 21 -38.22 10.51 -29.77
N SER B 22 -38.37 9.38 -30.45
CA SER B 22 -38.36 8.08 -29.80
C SER B 22 -37.01 7.79 -29.14
N ILE B 23 -35.92 8.05 -29.88
CA ILE B 23 -34.56 7.84 -29.37
C ILE B 23 -34.18 8.86 -28.30
N ILE B 24 -34.49 10.14 -28.53
CA ILE B 24 -34.23 11.16 -27.52
C ILE B 24 -34.94 10.76 -26.23
N ARG B 25 -36.19 10.32 -26.33
CA ARG B 25 -36.90 9.83 -25.14
C ARG B 25 -36.23 8.57 -24.59
N GLN B 26 -35.68 7.75 -25.48
CA GLN B 26 -34.96 6.53 -25.07
C GLN B 26 -33.75 6.86 -24.19
N ILE B 27 -33.07 7.97 -24.48
CA ILE B 27 -31.94 8.43 -23.68
C ILE B 27 -32.37 8.83 -22.28
N GLU B 28 -33.23 9.85 -22.19
CA GLU B 28 -33.68 10.38 -20.91
C GLU B 28 -34.41 9.34 -20.05
N THR B 29 -35.21 8.47 -20.67
CA THR B 29 -36.00 7.46 -19.94
C THR B 29 -35.18 6.75 -18.84
N GLN B 30 -34.07 6.13 -19.22
CA GLN B 30 -33.20 5.47 -18.23
C GLN B 30 -32.58 6.51 -17.31
N GLU B 31 -32.61 6.19 -16.02
CA GLU B 31 -32.86 7.16 -14.96
C GLU B 31 -31.69 8.02 -14.45
N ARG B 32 -31.84 9.33 -14.64
CA ARG B 32 -31.24 10.31 -13.73
C ARG B 32 -32.04 11.61 -13.79
N ASP B 35 -27.15 6.00 -12.60
CA ASP B 35 -28.02 5.33 -11.63
C ASP B 35 -28.13 3.82 -11.89
N VAL B 36 -26.99 3.19 -12.20
CA VAL B 36 -26.83 1.74 -12.07
C VAL B 36 -26.38 1.50 -10.63
N SER B 37 -26.75 0.34 -10.08
CA SER B 37 -26.43 0.00 -8.71
C SER B 37 -24.92 -0.06 -8.52
N SER B 38 -24.28 -0.96 -9.26
CA SER B 38 -22.88 -1.27 -9.14
C SER B 38 -22.23 -1.33 -10.51
N VAL B 39 -22.59 -2.37 -11.26
CA VAL B 39 -22.07 -2.61 -12.60
C VAL B 39 -23.17 -2.28 -13.61
N GLU B 40 -22.79 -1.59 -14.68
CA GLU B 40 -23.76 -1.00 -15.57
C GLU B 40 -23.82 -1.71 -16.92
N LEU B 41 -24.93 -2.45 -17.09
CA LEU B 41 -25.35 -2.95 -18.41
C LEU B 41 -25.81 -1.78 -19.27
N LEU B 42 -26.03 -0.63 -18.63
CA LEU B 42 -26.36 0.62 -19.31
C LEU B 42 -25.28 0.99 -20.33
N MET B 43 -24.05 0.54 -20.11
CA MET B 43 -22.98 0.74 -21.09
C MET B 43 -23.41 0.08 -22.40
N LYS B 44 -23.77 -1.20 -22.33
CA LYS B 44 -24.22 -1.94 -23.51
C LYS B 44 -25.50 -1.33 -24.06
N TYR B 45 -26.45 -1.06 -23.17
CA TYR B 45 -27.73 -0.46 -23.55
C TYR B 45 -27.58 0.91 -24.21
N HIS B 46 -26.76 1.79 -23.65
CA HIS B 46 -26.61 3.13 -24.23
C HIS B 46 -25.91 3.12 -25.60
N GLN B 47 -24.89 2.28 -25.73
CA GLN B 47 -24.19 2.18 -27.01
C GLN B 47 -25.06 1.56 -28.09
N GLY B 48 -25.86 0.55 -27.73
CA GLY B 48 -26.78 -0.08 -28.67
C GLY B 48 -27.59 0.98 -29.40
N ILE B 49 -28.00 2.00 -28.65
CA ILE B 49 -28.72 3.15 -29.22
C ILE B 49 -27.90 3.82 -30.33
N ASN B 50 -26.61 4.04 -30.08
CA ASN B 50 -25.74 4.64 -31.08
C ASN B 50 -25.71 3.79 -32.35
N ALA B 51 -25.67 2.47 -32.18
CA ALA B 51 -25.68 1.56 -33.32
C ALA B 51 -26.89 1.82 -34.21
N GLU B 52 -28.06 1.99 -33.59
CA GLU B 52 -29.29 2.27 -34.34
C GLU B 52 -29.20 3.60 -35.05
N ILE B 53 -28.56 4.57 -34.42
CA ILE B 53 -28.38 5.87 -35.03
C ILE B 53 -27.58 5.75 -36.33
N GLU B 54 -26.50 4.97 -36.29
CA GLU B 54 -25.66 4.80 -37.48
C GLU B 54 -26.48 4.21 -38.63
N THR B 55 -27.35 3.25 -38.32
CA THR B 55 -28.19 2.62 -39.34
C THR B 55 -28.99 3.66 -40.12
N ARG B 56 -29.46 4.70 -39.45
CA ARG B 56 -30.20 5.78 -40.11
C ARG B 56 -29.35 6.71 -40.97
N SER B 57 -28.04 6.69 -40.75
CA SER B 57 -27.14 7.60 -41.45
C SER B 57 -27.51 7.86 -42.92
N LYS B 58 -27.76 6.78 -43.66
CA LYS B 58 -28.13 6.88 -45.07
C LYS B 58 -29.43 7.67 -45.23
N ASN B 59 -30.45 7.27 -44.48
CA ASN B 59 -31.75 7.93 -44.52
C ASN B 59 -31.63 9.44 -44.48
N PHE B 60 -30.84 9.93 -43.53
CA PHE B 60 -30.62 11.35 -43.42
C PHE B 60 -30.08 11.89 -44.72
N SER B 61 -28.98 11.29 -45.18
CA SER B 61 -28.36 11.74 -46.39
C SER B 61 -29.42 11.85 -47.47
N ALA B 62 -30.25 10.80 -47.58
CA ALA B 62 -31.29 10.74 -48.60
C ALA B 62 -32.25 11.90 -48.40
N CYS B 63 -32.84 11.93 -47.21
CA CYS B 63 -33.77 12.97 -46.90
C CYS B 63 -33.11 14.32 -47.18
N LEU B 64 -31.97 14.56 -46.56
CA LEU B 64 -31.26 15.82 -46.69
C LEU B 64 -30.98 16.18 -48.14
N GLU B 65 -30.47 15.23 -48.91
CA GLU B 65 -30.15 15.52 -50.29
C GLU B 65 -31.40 15.96 -51.04
N LEU B 66 -32.44 15.14 -50.98
CA LEU B 66 -33.68 15.45 -51.70
C LEU B 66 -34.09 16.87 -51.37
N GLY B 67 -34.13 17.14 -50.08
CA GLY B 67 -34.45 18.46 -49.59
C GLY B 67 -33.64 19.53 -50.30
N GLU B 68 -32.32 19.35 -50.33
CA GLU B 68 -31.44 20.34 -50.95
C GLU B 68 -31.71 20.50 -52.43
N SER B 69 -31.75 19.39 -53.14
CA SER B 69 -32.02 19.42 -54.58
C SER B 69 -33.36 20.10 -54.84
N LEU B 70 -34.37 19.72 -54.07
CA LEU B 70 -35.68 20.35 -54.22
C LEU B 70 -35.55 21.86 -54.10
N LEU B 71 -34.82 22.33 -53.09
CA LEU B 71 -34.66 23.77 -52.87
C LEU B 71 -33.86 24.46 -53.98
N GLN B 72 -32.85 23.78 -54.50
CA GLN B 72 -32.10 24.32 -55.61
C GLN B 72 -33.01 24.54 -56.80
N ARG B 73 -33.71 23.48 -57.20
CA ARG B 73 -34.69 23.60 -58.26
C ARG B 73 -35.80 24.36 -57.59
N GLN B 74 -36.17 25.50 -58.16
CA GLN B 74 -36.94 26.46 -57.41
C GLN B 74 -38.36 25.99 -57.13
N HIS B 75 -38.48 24.91 -56.38
CA HIS B 75 -39.77 24.42 -55.98
C HIS B 75 -40.43 25.48 -55.11
N GLN B 76 -41.74 25.69 -55.29
CA GLN B 76 -42.47 26.75 -54.56
C GLN B 76 -43.12 26.30 -53.23
N ALA B 77 -42.61 25.21 -52.66
CA ALA B 77 -42.85 24.84 -51.27
C ALA B 77 -41.55 25.09 -50.48
N SER B 78 -40.62 25.80 -51.11
CA SER B 78 -39.26 25.97 -50.61
C SER B 78 -39.21 26.38 -49.15
N GLU B 79 -40.10 27.28 -48.76
CA GLU B 79 -40.08 27.81 -47.41
C GLU B 79 -40.41 26.66 -46.48
N GLU B 80 -41.56 26.03 -46.71
CA GLU B 80 -41.98 24.88 -45.90
C GLU B 80 -40.85 23.84 -45.86
N ILE B 81 -40.20 23.63 -47.00
CA ILE B 81 -39.10 22.67 -47.16
C ILE B 81 -37.88 23.06 -46.35
N ARG B 82 -37.46 24.30 -46.50
CA ARG B 82 -36.31 24.81 -45.77
C ARG B 82 -36.48 24.51 -44.31
N GLU B 83 -37.61 24.96 -43.76
CA GLU B 83 -37.87 24.79 -42.35
C GLU B 83 -37.86 23.33 -41.92
N LYS B 84 -38.54 22.46 -42.65
CA LYS B 84 -38.55 21.05 -42.24
C LYS B 84 -37.13 20.46 -42.24
N LEU B 85 -36.30 20.85 -43.19
CA LEU B 85 -34.95 20.31 -43.21
C LEU B 85 -34.07 20.95 -42.11
N GLN B 86 -34.38 22.18 -41.69
CA GLN B 86 -33.68 22.76 -40.55
C GLN B 86 -34.11 21.89 -39.39
N GLN B 87 -35.43 21.76 -39.24
CA GLN B 87 -36.02 20.99 -38.15
C GLN B 87 -35.39 19.62 -38.00
N VAL B 88 -35.19 18.92 -39.10
CA VAL B 88 -34.59 17.59 -39.02
C VAL B 88 -33.12 17.71 -38.62
N MET B 89 -32.43 18.69 -39.19
CA MET B 89 -31.02 18.92 -38.88
C MET B 89 -30.84 19.37 -37.43
N SER B 90 -31.75 20.23 -36.98
CA SER B 90 -31.71 20.69 -35.61
C SER B 90 -31.89 19.50 -34.69
N ARG B 91 -32.95 18.72 -34.89
CA ARG B 91 -33.17 17.56 -34.01
C ARG B 91 -32.06 16.53 -34.13
N ARG B 92 -31.30 16.53 -35.23
CA ARG B 92 -30.14 15.60 -35.38
C ARG B 92 -28.98 15.98 -34.46
N LYS B 93 -28.49 17.22 -34.56
CA LYS B 93 -27.43 17.70 -33.69
C LYS B 93 -27.87 17.56 -32.25
N GLU B 94 -29.13 17.92 -31.98
CA GLU B 94 -29.69 17.81 -30.62
C GLU B 94 -29.67 16.35 -30.15
N MET B 95 -29.93 15.40 -31.04
CA MET B 95 -29.90 13.99 -30.66
C MET B 95 -28.49 13.53 -30.24
N ASN B 96 -27.49 13.85 -31.05
CA ASN B 96 -26.11 13.45 -30.81
C ASN B 96 -25.47 14.19 -29.63
N GLU B 97 -25.91 15.43 -29.40
CA GLU B 97 -25.50 16.21 -28.26
C GLU B 97 -26.07 15.52 -27.02
N LYS B 98 -27.36 15.22 -27.03
CA LYS B 98 -28.00 14.53 -25.88
C LYS B 98 -27.52 13.08 -25.67
N TRP B 99 -26.93 12.44 -26.69
CA TRP B 99 -26.35 11.10 -26.52
C TRP B 99 -24.96 11.19 -25.90
N GLU B 100 -24.11 11.97 -26.57
CA GLU B 100 -22.73 12.22 -26.16
C GLU B 100 -22.73 12.92 -24.81
N ALA B 101 -23.68 13.85 -24.64
CA ALA B 101 -23.85 14.56 -23.40
C ALA B 101 -23.89 13.52 -22.28
N ARG B 102 -24.77 12.53 -22.43
CA ARG B 102 -24.91 11.46 -21.45
C ARG B 102 -23.69 10.54 -21.40
N TRP B 103 -23.18 10.13 -22.56
CA TRP B 103 -22.05 9.18 -22.61
C TRP B 103 -20.87 9.60 -21.73
N GLU B 104 -20.57 10.90 -21.71
CA GLU B 104 -19.53 11.43 -20.85
C GLU B 104 -19.88 11.05 -19.42
N ARG B 105 -21.15 11.21 -19.04
CA ARG B 105 -21.58 10.87 -17.68
C ARG B 105 -21.53 9.38 -17.35
N LEU B 106 -21.81 8.52 -18.32
CA LEU B 106 -21.71 7.07 -18.11
C LEU B 106 -20.30 6.71 -17.65
N ARG B 107 -19.31 7.42 -18.20
CA ARG B 107 -17.91 7.27 -17.80
C ARG B 107 -17.72 7.86 -16.40
N MET B 108 -18.43 8.94 -16.10
CA MET B 108 -18.36 9.61 -14.81
C MET B 108 -18.87 8.76 -13.65
N LEU B 109 -20.06 8.16 -13.82
CA LEU B 109 -20.61 7.25 -12.80
C LEU B 109 -19.73 6.01 -12.67
N LEU B 110 -19.14 5.58 -13.78
CA LEU B 110 -18.21 4.44 -13.82
C LEU B 110 -17.13 4.57 -12.73
N GLU B 111 -16.67 5.79 -12.49
CA GLU B 111 -15.64 6.07 -11.48
C GLU B 111 -16.08 5.79 -10.06
N VAL B 112 -17.23 6.32 -9.65
CA VAL B 112 -17.71 6.12 -8.29
C VAL B 112 -17.94 4.64 -8.00
N CYS B 113 -18.73 3.97 -8.86
CA CYS B 113 -18.99 2.54 -8.70
C CYS B 113 -17.67 1.78 -8.51
N GLN B 114 -16.69 2.03 -9.38
CA GLN B 114 -15.37 1.38 -9.31
C GLN B 114 -14.56 1.80 -8.07
N PHE B 115 -14.44 3.12 -7.89
CA PHE B 115 -13.74 3.74 -6.76
C PHE B 115 -14.33 3.32 -5.43
N SER B 116 -15.65 3.44 -5.31
CA SER B 116 -16.35 3.04 -4.07
C SER B 116 -16.02 1.60 -3.72
N ARG B 117 -16.22 0.68 -4.67
CA ARG B 117 -15.88 -0.73 -4.47
C ARG B 117 -14.42 -0.89 -4.06
N ASP B 118 -13.55 -0.18 -4.79
CA ASP B 118 -12.12 -0.20 -4.52
C ASP B 118 -11.85 0.12 -3.04
N ALA B 119 -12.55 1.11 -2.50
CA ALA B 119 -12.41 1.50 -1.10
C ALA B 119 -12.81 0.38 -0.13
N SER B 120 -14.08 -0.04 -0.17
CA SER B 120 -14.57 -1.08 0.75
C SER B 120 -13.64 -2.30 0.80
N VAL B 121 -13.12 -2.69 -0.36
CA VAL B 121 -12.17 -3.81 -0.47
C VAL B 121 -10.90 -3.52 0.34
N ALA B 122 -10.36 -2.31 0.20
CA ALA B 122 -9.18 -1.89 0.93
C ALA B 122 -9.50 -1.85 2.42
N GLU B 123 -10.55 -1.11 2.77
CA GLU B 123 -10.99 -0.98 4.17
C GLU B 123 -11.11 -2.36 4.82
N ALA B 124 -11.77 -3.28 4.11
CA ALA B 124 -11.96 -4.65 4.60
C ALA B 124 -10.62 -5.37 4.86
N TRP B 125 -9.68 -5.23 3.94
CA TRP B 125 -8.37 -5.87 4.05
C TRP B 125 -7.56 -5.41 5.28
N LEU B 126 -7.65 -4.12 5.61
CA LEU B 126 -7.00 -3.56 6.78
C LEU B 126 -7.60 -4.13 8.08
N ILE B 127 -8.92 -4.37 8.10
CA ILE B 127 -9.58 -4.99 9.27
C ILE B 127 -8.99 -6.37 9.49
N ALA B 128 -8.77 -7.07 8.37
CA ALA B 128 -8.25 -8.44 8.37
C ALA B 128 -6.87 -8.64 9.01
N GLN B 129 -6.01 -7.62 8.90
CA GLN B 129 -4.63 -7.75 9.38
C GLN B 129 -4.50 -7.52 10.89
N GLU B 130 -5.56 -7.00 11.51
CA GLU B 130 -5.56 -6.66 12.93
C GLU B 130 -4.96 -7.74 13.84
N PRO B 131 -5.50 -8.98 13.80
CA PRO B 131 -5.02 -10.01 14.73
C PRO B 131 -3.51 -10.07 14.80
N TYR B 132 -2.86 -10.23 13.64
CA TYR B 132 -1.41 -10.25 13.58
C TYR B 132 -0.83 -8.97 14.23
N LEU B 133 -1.26 -7.84 13.70
CA LEU B 133 -0.70 -6.54 14.04
C LEU B 133 -1.04 -6.08 15.47
N ALA B 134 -1.93 -6.80 16.15
CA ALA B 134 -2.32 -6.49 17.52
C ALA B 134 -1.40 -7.09 18.58
N SER B 135 -0.68 -8.16 18.23
CA SER B 135 0.12 -8.92 19.21
C SER B 135 1.08 -8.09 20.05
N GLY B 136 1.30 -8.56 21.28
CA GLY B 136 2.33 -8.01 22.16
C GLY B 136 3.49 -8.99 22.37
N ASP B 137 3.61 -9.97 21.49
CA ASP B 137 4.75 -10.88 21.51
C ASP B 137 5.88 -10.24 20.68
N PHE B 138 7.05 -10.09 21.31
CA PHE B 138 8.23 -9.57 20.62
C PHE B 138 9.46 -10.45 20.85
N GLY B 139 9.26 -11.65 21.37
CA GLY B 139 10.34 -12.58 21.58
C GLY B 139 10.88 -12.46 22.98
N HIS B 140 11.41 -13.57 23.47
CA HIS B 140 12.12 -13.62 24.75
C HIS B 140 13.47 -14.33 24.58
N THR B 141 13.90 -14.43 23.32
CA THR B 141 15.04 -15.24 22.92
C THR B 141 15.47 -14.81 21.54
N VAL B 142 16.75 -14.95 21.23
CA VAL B 142 17.23 -14.59 19.90
C VAL B 142 16.45 -15.34 18.82
N ASP B 143 16.30 -16.63 19.02
CA ASP B 143 15.59 -17.51 18.10
C ASP B 143 14.16 -17.00 17.90
N SER B 144 13.45 -16.78 18.99
CA SER B 144 12.06 -16.38 18.88
C SER B 144 11.94 -15.06 18.13
N VAL B 145 12.78 -14.08 18.47
CA VAL B 145 12.68 -12.79 17.78
C VAL B 145 13.04 -12.91 16.32
N GLU B 146 14.07 -13.70 16.01
CA GLU B 146 14.43 -13.93 14.61
C GLU B 146 13.25 -14.46 13.81
N LYS B 147 12.51 -15.40 14.40
CA LYS B 147 11.31 -15.95 13.76
C LYS B 147 10.26 -14.85 13.52
N LEU B 148 10.01 -14.02 14.53
CA LEU B 148 9.03 -12.93 14.42
C LEU B 148 9.42 -11.87 13.36
N ILE B 149 10.70 -11.53 13.28
CA ILE B 149 11.18 -10.59 12.27
C ILE B 149 10.94 -11.12 10.87
N LYS B 150 11.26 -12.39 10.64
CA LYS B 150 11.10 -13.02 9.34
C LYS B 150 9.62 -13.07 8.95
N ARG B 151 8.76 -13.33 9.94
CA ARG B 151 7.30 -13.33 9.73
C ARG B 151 6.86 -11.93 9.34
N HIS B 152 7.45 -10.93 10.00
CA HIS B 152 7.17 -9.53 9.71
C HIS B 152 7.67 -9.17 8.31
N GLU B 153 8.84 -9.68 7.95
CA GLU B 153 9.41 -9.44 6.65
C GLU B 153 8.49 -9.96 5.57
N ALA B 154 7.89 -11.11 5.83
CA ALA B 154 6.94 -11.68 4.91
C ALA B 154 5.72 -10.77 4.89
N PHE B 155 5.26 -10.43 6.09
CA PHE B 155 4.08 -9.60 6.23
C PHE B 155 4.21 -8.27 5.49
N GLU B 156 5.31 -7.58 5.68
CA GLU B 156 5.49 -6.29 5.02
C GLU B 156 5.47 -6.41 3.50
N LYS B 157 6.10 -7.44 2.96
CA LYS B 157 6.16 -7.56 1.52
C LYS B 157 4.74 -7.60 0.94
N SER B 158 3.90 -8.48 1.48
CA SER B 158 2.51 -8.58 1.03
C SER B 158 1.80 -7.25 1.23
N THR B 159 2.14 -6.54 2.31
CA THR B 159 1.58 -5.20 2.51
C THR B 159 2.02 -4.30 1.35
N ALA B 160 3.29 -4.39 1.01
CA ALA B 160 3.89 -3.58 -0.07
C ALA B 160 3.10 -3.66 -1.37
N SER B 161 2.62 -4.85 -1.70
CA SER B 161 1.83 -5.07 -2.92
C SER B 161 0.75 -4.00 -3.12
N TRP B 162 -0.05 -3.80 -2.07
CA TRP B 162 -1.18 -2.86 -2.13
C TRP B 162 -0.81 -1.39 -2.41
N ALA B 163 0.47 -1.02 -2.26
CA ALA B 163 0.91 0.36 -2.51
C ALA B 163 0.26 0.98 -3.76
N GLU B 164 0.24 0.21 -4.85
CA GLU B 164 -0.40 0.64 -6.10
C GLU B 164 -1.92 0.83 -5.91
N ARG B 165 -2.57 -0.21 -5.39
CA ARG B 165 -4.01 -0.19 -5.18
C ARG B 165 -4.47 1.05 -4.42
N PHE B 166 -3.78 1.39 -3.34
CA PHE B 166 -4.07 2.62 -2.58
C PHE B 166 -3.67 3.84 -3.39
N ALA B 167 -2.52 3.77 -4.04
CA ALA B 167 -2.00 4.87 -4.87
C ALA B 167 -3.00 5.34 -5.94
N ALA B 168 -3.78 4.41 -6.46
CA ALA B 168 -4.82 4.71 -7.45
C ALA B 168 -5.91 5.61 -6.86
N LEU B 169 -6.31 5.33 -5.62
CA LEU B 169 -7.38 6.09 -4.97
C LEU B 169 -6.95 7.52 -4.65
N GLU B 170 -5.64 7.77 -4.75
CA GLU B 170 -5.06 9.10 -4.52
C GLU B 170 -5.53 10.05 -5.62
N LYS B 171 -5.24 9.72 -6.86
CA LYS B 171 -5.60 10.57 -8.00
C LYS B 171 -7.12 10.85 -8.06
N PRO B 172 -7.49 12.11 -8.37
CA PRO B 172 -8.90 12.56 -8.34
C PRO B 172 -9.76 12.07 -9.52
N THR B 173 -11.03 12.46 -9.47
CA THR B 173 -12.06 11.96 -10.39
C THR B 173 -12.45 13.03 -11.40
N THR B 174 -13.04 12.59 -12.52
CA THR B 174 -13.61 13.50 -13.53
C THR B 174 -14.76 14.31 -12.93
N LEU B 175 -15.61 13.64 -12.14
CA LEU B 175 -16.59 14.33 -11.30
C LEU B 175 -15.95 15.55 -10.63
N GLU B 176 -14.92 15.27 -9.82
CA GLU B 176 -14.26 16.29 -9.02
C GLU B 176 -13.42 17.24 -9.88
N LEU B 177 -12.93 16.75 -11.02
CA LEU B 177 -12.16 17.56 -11.97
C LEU B 177 -13.06 18.65 -12.56
N LYS B 178 -14.22 18.23 -13.08
CA LYS B 178 -15.19 19.16 -13.68
C LYS B 178 -15.50 20.35 -12.79
N GLU B 179 -15.41 20.17 -11.48
CA GLU B 179 -15.62 21.26 -10.52
C GLU B 179 -14.90 22.54 -10.98
N ARG B 180 -13.67 22.42 -11.47
CA ARG B 180 -12.90 23.58 -11.98
C ARG B 180 -13.77 24.53 -12.81
N GLN B 181 -14.54 23.96 -13.74
CA GLN B 181 -15.46 24.75 -14.56
C GLN B 181 -16.60 25.36 -13.72
N ILE B 182 -17.10 24.57 -12.75
CA ILE B 182 -18.16 25.03 -11.84
C ILE B 182 -17.59 26.01 -10.79
N ALA B 183 -16.44 25.66 -10.23
CA ALA B 183 -15.74 26.47 -9.21
C ALA B 183 -15.26 27.82 -9.75
N GLU B 184 -14.43 27.79 -10.79
CA GLU B 184 -13.93 29.02 -11.41
C GLU B 184 -15.07 29.80 -12.05
#